data_4IPM
#
_entry.id   4IPM
#
_cell.length_a   47.490
_cell.length_b   79.780
_cell.length_c   105.160
_cell.angle_alpha   90.000
_cell.angle_beta   90.000
_cell.angle_gamma   90.000
#
_symmetry.space_group_name_H-M   'P 2 21 21'
#
loop_
_entity.id
_entity.type
_entity.pdbx_description
1 polymer 'GH7 family protein'
2 branched beta-D-glucopyranose-(1-4)-4-thio-beta-D-glucopyranose
3 non-polymer 'CALCIUM ION'
4 non-polymer 'ACETATE ION'
5 water water
#
_entity_poly.entity_id   1
_entity_poly.type   'polypeptide(L)'
_entity_poly.pdbx_seq_one_letter_code
;(PCA)QAGTETEEYHLPLTWERDGSSVSASVVIDSNWRWTHSTEDTTNCYDGNEWDSTLCPDADTCTENCAIDGVDQGTW
GDTYGITASGSKLTLSFVTEGEYSTDIGSRVFLMADDDNYEIFNLLDKEFSFDVDASNLPCGLNGALYFVSMDEDGGTSK
YSTNTAGAKYGTGYCDAQCPHDMKFIAGKANSDGWTPSDNDQNAGTGEMGACCHEMDIWEANSQAQSYTAHVCSVDGYTP
CTGTDCGDNGDDRYKGVCDKDGCDYAAYRLGQHDFYGEGGTVDSGSTLTVITQFITGGGGLNEIRRIYQQGGQTIQNAAV
NFPGDVDPYDSITEDFCVDIKRYFGDTNDFDAKGGMSGMSNALKKGMVLVMSLWDDHYANMLWLDATYPVDSTEPGALRG
PCSTDSGDPADVEANFPGSTVTFSNIKIGPIQSYD
;
_entity_poly.pdbx_strand_id   A
#
loop_
_chem_comp.id
_chem_comp.type
_chem_comp.name
_chem_comp.formula
ACT non-polymer 'ACETATE ION' 'C2 H3 O2 -1'
BGC D-saccharide, beta linking beta-D-glucopyranose 'C6 H12 O6'
CA non-polymer 'CALCIUM ION' 'Ca 2'
SGC D-saccharide, beta linking 4-thio-beta-D-glucopyranose 'C6 H12 O5 S'
#
# COMPACT_ATOMS: atom_id res chain seq x y z
N PCA A 1 16.27 7.34 11.76
CA PCA A 1 16.47 6.50 12.97
CB PCA A 1 15.39 5.43 12.87
CG PCA A 1 15.00 5.40 11.38
CD PCA A 1 15.45 6.75 10.86
OE PCA A 1 15.15 7.19 9.76
C PCA A 1 17.82 5.78 12.97
O PCA A 1 18.32 5.30 11.93
HA PCA A 1 16.34 7.12 13.86
HB2 PCA A 1 14.53 5.69 13.49
HB3 PCA A 1 15.77 4.46 13.18
HG2 PCA A 1 13.91 5.29 11.27
HG3 PCA A 1 15.50 4.59 10.86
N GLN A 2 18.38 5.67 14.19
CA GLN A 2 19.39 4.68 14.47
C GLN A 2 18.79 3.31 14.58
N ALA A 3 19.63 2.28 14.34
CA ALA A 3 19.29 0.93 14.53
C ALA A 3 19.60 0.46 15.97
N GLY A 4 18.66 -0.25 16.60
CA GLY A 4 18.95 -0.87 17.87
C GLY A 4 19.85 -2.07 17.67
N THR A 5 20.46 -2.57 18.73
CA THR A 5 21.39 -3.70 18.69
C THR A 5 20.97 -4.82 19.57
N GLU A 6 19.73 -4.89 20.05
CA GLU A 6 19.25 -6.01 20.82
C GLU A 6 19.07 -7.27 20.02
N THR A 7 18.66 -7.14 18.75
CA THR A 7 18.22 -8.29 17.97
C THR A 7 18.75 -8.12 16.58
N GLU A 8 19.51 -9.12 16.07
CA GLU A 8 19.93 -9.08 14.69
C GLU A 8 18.69 -9.18 13.77
N GLU A 9 18.69 -8.35 12.78
CA GLU A 9 17.61 -8.32 11.79
C GLU A 9 17.63 -9.59 10.91
N TYR A 10 16.44 -10.15 10.71
CA TYR A 10 16.29 -11.26 9.83
C TYR A 10 15.23 -10.90 8.76
N HIS A 11 15.60 -10.91 7.50
CA HIS A 11 14.70 -10.72 6.43
C HIS A 11 14.10 -12.04 6.03
N LEU A 12 12.78 -12.12 5.88
CA LEU A 12 12.07 -13.36 5.62
C LEU A 12 12.29 -13.75 4.14
N PRO A 13 12.90 -14.93 3.84
CA PRO A 13 13.13 -15.27 2.41
C PRO A 13 11.86 -15.38 1.59
N LEU A 14 11.94 -14.95 0.37
CA LEU A 14 10.86 -15.02 -0.60
C LEU A 14 11.48 -15.11 -1.98
N THR A 15 11.06 -16.07 -2.81
CA THR A 15 11.45 -16.21 -4.19
CA THR A 15 11.48 -16.05 -4.20
C THR A 15 10.47 -15.50 -5.11
N TRP A 16 10.98 -14.93 -6.18
CA TRP A 16 10.14 -14.32 -7.22
C TRP A 16 10.82 -14.46 -8.57
N GLU A 17 10.24 -14.01 -9.63
CA GLU A 17 10.78 -14.22 -10.97
C GLU A 17 10.95 -12.88 -11.69
N ARG A 18 12.13 -12.61 -12.20
CA ARG A 18 12.48 -11.36 -12.81
C ARG A 18 13.08 -11.62 -14.19
N ASP A 19 12.38 -11.18 -15.23
CA ASP A 19 12.88 -11.25 -16.59
C ASP A 19 13.33 -12.69 -16.95
N GLY A 20 12.50 -13.68 -16.58
CA GLY A 20 12.72 -15.00 -16.93
C GLY A 20 13.56 -15.83 -16.00
N SER A 21 14.15 -15.23 -14.95
CA SER A 21 15.07 -15.89 -13.95
C SER A 21 14.44 -15.92 -12.59
N SER A 22 14.64 -16.97 -11.81
CA SER A 22 14.22 -17.01 -10.43
CA SER A 22 14.25 -17.04 -10.41
C SER A 22 15.18 -16.16 -9.63
N VAL A 23 14.65 -15.45 -8.65
CA VAL A 23 15.43 -14.58 -7.77
C VAL A 23 15.12 -14.99 -6.34
N SER A 24 16.17 -15.27 -5.58
CA SER A 24 16.05 -15.64 -4.16
C SER A 24 16.23 -14.36 -3.32
N ALA A 25 15.14 -13.77 -2.91
CA ALA A 25 15.13 -12.46 -2.25
C ALA A 25 14.52 -12.66 -0.84
N SER A 26 13.98 -11.57 -0.31
CA SER A 26 13.42 -11.55 1.05
C SER A 26 12.57 -10.31 1.15
N VAL A 27 11.84 -10.27 2.27
CA VAL A 27 11.02 -9.13 2.62
C VAL A 27 11.45 -8.63 3.99
N VAL A 28 11.17 -7.35 4.22
CA VAL A 28 11.51 -6.62 5.45
C VAL A 28 10.25 -5.94 6.01
N ILE A 29 10.08 -5.94 7.32
CA ILE A 29 8.96 -5.23 7.93
C ILE A 29 9.23 -3.73 7.99
N ASP A 30 8.22 -2.95 7.68
CA ASP A 30 8.23 -1.50 7.76
C ASP A 30 8.64 -1.09 9.18
N SER A 31 9.51 -0.08 9.25
CA SER A 31 9.99 0.44 10.52
C SER A 31 8.91 0.83 11.50
N ASN A 32 7.72 1.21 11.02
CA ASN A 32 6.65 1.58 11.91
C ASN A 32 6.17 0.44 12.83
N TRP A 33 6.44 -0.82 12.46
CA TRP A 33 6.02 -2.00 13.22
C TRP A 33 7.09 -2.45 14.20
N ARG A 34 8.22 -1.79 14.31
CA ARG A 34 9.32 -2.26 15.10
C ARG A 34 9.28 -1.73 16.53
N TRP A 35 10.02 -2.41 17.38
CA TRP A 35 10.35 -1.93 18.74
C TRP A 35 11.27 -0.76 18.66
N THR A 36 10.85 0.39 19.19
CA THR A 36 11.59 1.58 19.23
C THR A 36 11.92 1.92 20.64
N HIS A 37 13.19 1.84 21.01
CA HIS A 37 13.63 1.92 22.39
C HIS A 37 14.84 2.80 22.55
N SER A 38 15.13 3.10 23.82
CA SER A 38 16.34 3.86 24.18
C SER A 38 17.59 3.23 23.59
N THR A 39 18.54 4.03 23.17
CA THR A 39 19.85 3.55 22.80
C THR A 39 20.66 2.98 23.95
N GLU A 40 20.24 3.20 25.18
CA GLU A 40 20.97 2.69 26.36
C GLU A 40 20.23 1.78 27.21
N ASP A 41 19.01 1.34 26.83
CA ASP A 41 18.14 0.62 27.80
C ASP A 41 17.07 -0.06 26.85
N THR A 42 16.27 -0.90 27.47
CA THR A 42 15.13 -1.50 26.83
C THR A 42 13.89 -0.60 26.95
N THR A 43 13.95 0.57 27.59
CA THR A 43 12.81 1.48 27.77
C THR A 43 12.25 1.83 26.37
N ASN A 44 10.94 1.71 26.24
CA ASN A 44 10.30 2.10 25.00
C ASN A 44 10.29 3.60 24.76
N CYS A 45 10.65 4.05 23.56
CA CYS A 45 10.47 5.42 23.15
C CYS A 45 9.04 5.70 22.75
N TYR A 46 8.40 4.66 22.27
CA TYR A 46 7.08 4.80 21.69
C TYR A 46 6.42 3.59 22.23
N ASP A 47 5.26 3.81 22.78
CA ASP A 47 4.37 2.69 23.21
C ASP A 47 2.90 3.07 23.18
N GLY A 48 2.17 2.18 22.57
CA GLY A 48 0.78 2.38 22.43
C GLY A 48 0.60 3.37 21.36
N ASN A 49 0.16 4.58 21.78
CA ASN A 49 -0.14 5.60 20.78
C ASN A 49 0.61 6.89 21.07
N GLU A 50 1.60 6.88 21.97
CA GLU A 50 2.34 8.10 22.35
C GLU A 50 3.84 7.81 22.51
N TRP A 51 4.61 8.86 22.31
CA TRP A 51 6.01 8.80 22.59
C TRP A 51 6.24 9.01 24.09
N ASP A 52 7.34 8.50 24.59
CA ASP A 52 7.80 8.76 25.95
C ASP A 52 8.44 10.14 25.95
N SER A 53 7.86 11.13 26.65
CA SER A 53 8.37 12.49 26.58
C SER A 53 9.71 12.70 27.23
N THR A 54 10.11 11.82 28.12
CA THR A 54 11.44 11.87 28.72
C THR A 54 12.55 11.51 27.72
N LEU A 55 12.26 10.50 26.90
CA LEU A 55 13.23 10.17 25.81
C LEU A 55 13.04 11.15 24.63
N CYS A 56 11.80 11.60 24.41
CA CYS A 56 11.45 12.36 23.21
C CYS A 56 10.79 13.71 23.57
N PRO A 57 11.53 14.64 24.21
CA PRO A 57 10.93 15.94 24.51
C PRO A 57 10.78 16.82 23.28
N ASP A 58 11.56 16.53 22.25
CA ASP A 58 11.51 17.21 20.96
C ASP A 58 12.02 16.19 19.94
N ALA A 59 11.78 16.46 18.67
CA ALA A 59 12.13 15.52 17.62
C ALA A 59 13.61 15.23 17.52
N ASP A 60 14.48 16.23 17.61
CA ASP A 60 15.90 16.00 17.51
C ASP A 60 16.41 15.14 18.69
N THR A 61 15.97 15.45 19.92
CA THR A 61 16.39 14.68 21.08
C THR A 61 15.88 13.26 20.96
N CYS A 62 14.64 13.07 20.50
CA CYS A 62 14.07 11.75 20.28
C CYS A 62 14.92 10.95 19.32
N THR A 63 15.33 11.61 18.22
CA THR A 63 16.16 10.96 17.25
C THR A 63 17.50 10.56 17.80
N GLU A 64 18.08 11.38 18.66
CA GLU A 64 19.34 11.07 19.31
C GLU A 64 19.18 9.92 20.26
N ASN A 65 18.04 9.77 20.90
CA ASN A 65 17.85 8.89 22.06
C ASN A 65 17.26 7.53 21.72
N CYS A 66 16.69 7.34 20.52
CA CYS A 66 15.85 6.21 20.24
C CYS A 66 16.41 5.39 19.05
N ALA A 67 16.05 4.15 19.00
CA ALA A 67 16.53 3.22 17.98
C ALA A 67 15.46 2.17 17.66
N ILE A 68 15.42 1.78 16.39
CA ILE A 68 14.48 0.75 15.93
C ILE A 68 15.22 -0.57 15.86
N ASP A 69 14.67 -1.62 16.43
CA ASP A 69 15.43 -2.87 16.54
C ASP A 69 15.00 -3.90 15.48
N GLY A 70 15.76 -4.97 15.49
CA GLY A 70 15.57 -6.08 14.56
C GLY A 70 14.45 -6.96 14.84
N VAL A 71 14.03 -7.72 13.81
CA VAL A 71 12.96 -8.74 13.92
C VAL A 71 13.64 -10.08 13.62
N ASP A 72 13.73 -10.96 14.58
CA ASP A 72 14.34 -12.25 14.40
C ASP A 72 13.40 -13.23 13.71
N GLN A 73 13.96 -14.40 13.38
CA GLN A 73 13.21 -15.38 12.57
C GLN A 73 11.87 -15.79 13.22
N GLY A 74 11.88 -16.02 14.52
CA GLY A 74 10.68 -16.46 15.22
C GLY A 74 9.65 -15.38 15.34
N THR A 75 10.10 -14.14 15.39
CA THR A 75 9.19 -13.04 15.64
C THR A 75 8.28 -12.72 14.45
N TRP A 76 8.78 -12.95 13.22
CA TRP A 76 7.87 -12.82 12.08
C TRP A 76 6.53 -13.51 12.30
N GLY A 77 6.57 -14.78 12.67
CA GLY A 77 5.35 -15.55 12.90
C GLY A 77 4.70 -15.18 14.21
N ASP A 78 5.48 -15.19 15.32
CA ASP A 78 4.86 -15.16 16.64
C ASP A 78 4.31 -13.75 16.97
N THR A 79 4.90 -12.71 16.40
CA THR A 79 4.42 -11.35 16.69
C THR A 79 3.57 -10.85 15.57
N TYR A 80 3.98 -11.04 14.33
CA TYR A 80 3.31 -10.41 13.23
C TYR A 80 2.43 -11.35 12.40
N GLY A 81 2.53 -12.65 12.67
CA GLY A 81 1.69 -13.60 11.91
C GLY A 81 2.07 -13.73 10.45
N ILE A 82 3.36 -13.49 10.11
CA ILE A 82 3.80 -13.49 8.74
C ILE A 82 4.60 -14.74 8.52
N THR A 83 4.28 -15.50 7.47
CA THR A 83 5.02 -16.67 7.08
C THR A 83 5.26 -16.68 5.56
N ALA A 84 6.28 -17.41 5.14
CA ALA A 84 6.65 -17.53 3.73
C ALA A 84 7.15 -18.89 3.46
N SER A 85 6.95 -19.37 2.26
CA SER A 85 7.51 -20.61 1.75
C SER A 85 7.61 -20.53 0.28
N GLY A 86 8.81 -20.74 -0.27
CA GLY A 86 9.02 -20.65 -1.65
C GLY A 86 8.68 -19.26 -2.13
N SER A 87 7.75 -19.16 -3.09
CA SER A 87 7.28 -17.91 -3.70
CA SER A 87 7.35 -17.85 -3.64
C SER A 87 6.02 -17.34 -3.02
N LYS A 88 5.60 -17.91 -1.89
CA LYS A 88 4.33 -17.60 -1.18
CA LYS A 88 4.33 -17.56 -1.23
C LYS A 88 4.57 -16.83 0.09
N LEU A 89 3.84 -15.72 0.30
CA LEU A 89 3.88 -14.89 1.49
C LEU A 89 2.45 -14.79 2.05
N THR A 90 2.29 -15.03 3.32
CA THR A 90 1.02 -14.85 4.05
C THR A 90 1.15 -13.81 5.10
N LEU A 91 0.23 -12.82 5.07
CA LEU A 91 0.13 -11.81 6.10
C LEU A 91 -1.12 -12.05 6.89
N SER A 92 -1.06 -11.79 8.21
CA SER A 92 -2.16 -11.95 9.13
C SER A 92 -2.72 -10.61 9.60
N PHE A 93 -3.91 -10.65 10.17
CA PHE A 93 -4.62 -9.45 10.64
C PHE A 93 -4.28 -9.29 12.12
N VAL A 94 -5.05 -9.90 13.00
CA VAL A 94 -4.84 -9.81 14.49
C VAL A 94 -3.93 -10.93 14.91
N THR A 95 -2.76 -10.63 15.46
CA THR A 95 -1.93 -11.64 16.10
C THR A 95 -1.66 -11.29 17.54
N GLU A 96 -2.06 -12.11 18.46
CA GLU A 96 -1.80 -11.93 19.88
C GLU A 96 -0.61 -12.80 20.33
N GLY A 97 0.37 -12.19 20.98
CA GLY A 97 1.44 -12.96 21.59
C GLY A 97 1.34 -12.95 23.09
N GLU A 98 2.37 -13.37 23.77
CA GLU A 98 2.39 -13.31 25.23
C GLU A 98 2.09 -11.94 25.77
N TYR A 99 2.76 -10.95 25.19
CA TYR A 99 2.70 -9.54 25.64
C TYR A 99 1.99 -8.50 24.82
N SER A 100 1.78 -8.76 23.58
CA SER A 100 1.30 -7.71 22.70
C SER A 100 0.41 -8.23 21.63
N THR A 101 -0.39 -7.36 21.02
CA THR A 101 -1.19 -7.70 19.93
C THR A 101 -0.83 -6.80 18.75
N ASP A 102 -0.61 -7.39 17.63
CA ASP A 102 -0.29 -6.73 16.35
C ASP A 102 -1.56 -6.73 15.48
N ILE A 103 -1.78 -5.65 14.79
CA ILE A 103 -2.85 -5.56 13.83
C ILE A 103 -2.21 -5.22 12.43
N GLY A 104 -2.27 -6.19 11.57
CA GLY A 104 -1.80 -6.03 10.25
C GLY A 104 -0.28 -5.96 10.10
N SER A 105 0.17 -5.62 8.92
CA SER A 105 1.58 -5.52 8.65
C SER A 105 1.78 -4.90 7.29
N ARG A 106 3.01 -4.48 7.05
CA ARG A 106 3.45 -3.90 5.78
C ARG A 106 4.91 -4.31 5.61
N VAL A 107 5.23 -4.86 4.44
CA VAL A 107 6.55 -5.33 4.12
C VAL A 107 6.98 -4.85 2.74
N PHE A 108 8.28 -4.82 2.54
CA PHE A 108 8.88 -4.43 1.29
C PHE A 108 9.79 -5.52 0.77
N LEU A 109 9.89 -5.63 -0.55
CA LEU A 109 10.78 -6.65 -1.17
C LEU A 109 12.21 -6.08 -1.24
N MET A 110 13.16 -6.87 -0.77
CA MET A 110 14.57 -6.51 -0.77
C MET A 110 15.29 -7.02 -2.03
N ALA A 111 16.34 -6.32 -2.40
CA ALA A 111 17.31 -6.76 -3.39
C ALA A 111 18.48 -7.40 -2.72
N ASP A 112 18.95 -6.84 -1.63
CA ASP A 112 20.04 -7.37 -0.83
C ASP A 112 19.80 -6.92 0.59
N ASP A 113 20.77 -7.04 1.50
CA ASP A 113 20.50 -6.76 2.88
C ASP A 113 20.16 -5.29 3.15
N ASP A 114 20.67 -4.39 2.31
CA ASP A 114 20.62 -2.99 2.56
C ASP A 114 19.81 -2.17 1.58
N ASN A 115 19.21 -2.79 0.57
CA ASN A 115 18.54 -2.07 -0.47
C ASN A 115 17.30 -2.75 -0.88
N TYR A 116 16.23 -1.96 -1.09
CA TYR A 116 15.01 -2.50 -1.71
C TYR A 116 15.21 -2.84 -3.16
N GLU A 117 14.44 -3.83 -3.65
CA GLU A 117 14.38 -4.06 -5.09
C GLU A 117 13.70 -2.88 -5.76
N ILE A 118 14.26 -2.40 -6.87
CA ILE A 118 13.69 -1.33 -7.62
C ILE A 118 13.12 -1.89 -8.91
N PHE A 119 11.79 -1.64 -9.08
CA PHE A 119 11.04 -2.05 -10.26
C PHE A 119 10.87 -0.92 -11.20
N ASN A 120 11.18 -1.21 -12.45
CA ASN A 120 10.93 -0.27 -13.56
C ASN A 120 9.84 -0.85 -14.42
N LEU A 121 8.61 -0.47 -14.15
CA LEU A 121 7.42 -1.09 -14.69
C LEU A 121 7.10 -0.71 -16.13
N LEU A 122 7.66 0.40 -16.64
CA LEU A 122 7.30 0.77 -17.98
C LEU A 122 7.60 -0.30 -18.99
N ASP A 123 6.66 -0.56 -19.89
CA ASP A 123 6.86 -1.54 -20.93
C ASP A 123 7.03 -2.93 -20.36
N LYS A 124 6.49 -3.21 -19.18
CA LYS A 124 6.57 -4.54 -18.57
C LYS A 124 5.19 -5.00 -18.18
N GLU A 125 5.15 -6.31 -17.95
CA GLU A 125 3.99 -6.96 -17.38
C GLU A 125 4.38 -7.50 -16.02
N PHE A 126 3.59 -7.17 -14.98
CA PHE A 126 3.77 -7.60 -13.63
C PHE A 126 2.61 -8.47 -13.24
N SER A 127 2.89 -9.64 -12.69
CA SER A 127 1.80 -10.54 -12.31
C SER A 127 2.13 -11.20 -10.98
N PHE A 128 1.06 -11.73 -10.40
CA PHE A 128 1.13 -12.48 -9.12
C PHE A 128 -0.17 -13.18 -8.95
N ASP A 129 -0.19 -14.13 -8.02
CA ASP A 129 -1.40 -14.78 -7.56
C ASP A 129 -1.78 -14.24 -6.18
N VAL A 130 -3.08 -14.16 -5.93
CA VAL A 130 -3.58 -13.71 -4.65
C VAL A 130 -4.73 -14.54 -4.20
N ASP A 131 -4.75 -14.81 -2.92
CA ASP A 131 -5.88 -15.42 -2.24
C ASP A 131 -6.48 -14.37 -1.33
N ALA A 132 -7.62 -13.80 -1.74
CA ALA A 132 -8.36 -12.78 -1.01
C ALA A 132 -9.58 -13.36 -0.35
N SER A 133 -9.72 -14.69 -0.30
CA SER A 133 -10.93 -15.37 0.15
C SER A 133 -11.19 -15.17 1.65
N ASN A 134 -10.14 -14.89 2.41
CA ASN A 134 -10.23 -14.71 3.82
C ASN A 134 -10.13 -13.26 4.28
N LEU A 135 -10.61 -12.37 3.44
CA LEU A 135 -10.68 -10.93 3.71
C LEU A 135 -12.13 -10.48 3.60
N PRO A 136 -12.79 -10.18 4.73
CA PRO A 136 -14.16 -9.66 4.71
C PRO A 136 -14.19 -8.19 4.41
N CYS A 137 -15.41 -7.66 4.30
CA CYS A 137 -15.64 -6.22 4.27
C CYS A 137 -14.77 -5.55 5.36
N GLY A 138 -14.14 -4.45 5.03
CA GLY A 138 -13.37 -3.70 5.95
C GLY A 138 -11.89 -3.98 6.02
N LEU A 139 -11.45 -5.02 5.29
CA LEU A 139 -10.05 -5.44 5.21
CA LEU A 139 -10.02 -5.39 5.21
C LEU A 139 -9.48 -5.04 3.84
N ASN A 140 -8.17 -4.88 3.79
CA ASN A 140 -7.48 -4.65 2.53
C ASN A 140 -6.18 -5.40 2.54
N GLY A 141 -6.08 -6.34 1.65
CA GLY A 141 -4.80 -7.04 1.36
C GLY A 141 -4.22 -6.47 0.09
N ALA A 142 -3.22 -5.65 0.22
CA ALA A 142 -2.79 -4.79 -0.83
C ALA A 142 -1.41 -5.14 -1.36
N LEU A 143 -1.24 -4.97 -2.65
CA LEU A 143 0.08 -5.08 -3.33
C LEU A 143 0.21 -3.84 -4.19
N TYR A 144 1.30 -3.09 -4.01
CA TYR A 144 1.44 -1.81 -4.65
C TYR A 144 2.89 -1.40 -4.66
N PHE A 145 3.14 -0.31 -5.39
CA PHE A 145 4.47 0.24 -5.55
C PHE A 145 4.46 1.68 -5.11
N VAL A 146 5.60 2.12 -4.53
CA VAL A 146 5.76 3.50 -4.14
C VAL A 146 7.17 3.99 -4.49
N SER A 147 7.31 5.32 -4.68
CA SER A 147 8.58 5.94 -4.99
C SER A 147 9.45 6.20 -3.76
N MET A 148 9.69 5.13 -2.99
CA MET A 148 10.64 5.16 -1.87
C MET A 148 12.07 5.21 -2.42
N ASP A 149 12.96 5.68 -1.56
CA ASP A 149 14.38 5.61 -1.85
C ASP A 149 14.88 4.16 -1.76
N GLU A 150 15.76 3.76 -2.66
CA GLU A 150 16.32 2.44 -2.72
C GLU A 150 16.98 1.97 -1.44
N ASP A 151 17.70 2.90 -0.82
CA ASP A 151 18.39 2.63 0.42
C ASP A 151 17.58 2.97 1.68
N GLY A 152 16.30 3.27 1.51
CA GLY A 152 15.45 3.63 2.62
C GLY A 152 15.70 4.99 3.19
N GLY A 153 16.57 5.77 2.60
CA GLY A 153 16.85 7.10 3.04
C GLY A 153 18.24 7.36 3.61
N THR A 154 19.09 6.37 3.68
CA THR A 154 20.39 6.59 4.37
C THR A 154 21.28 7.58 3.69
N SER A 155 21.26 7.67 2.35
CA SER A 155 22.11 8.67 1.69
C SER A 155 21.56 10.06 1.81
N LYS A 156 20.26 10.22 1.88
CA LYS A 156 19.63 11.51 1.95
C LYS A 156 19.64 12.09 3.37
N TYR A 157 19.52 11.23 4.40
CA TYR A 157 19.23 11.66 5.75
C TYR A 157 20.24 11.03 6.65
N SER A 158 21.18 11.87 7.14
CA SER A 158 22.34 11.29 7.89
C SER A 158 22.00 10.73 9.24
N THR A 159 20.86 11.13 9.80
CA THR A 159 20.38 10.55 11.03
C THR A 159 19.63 9.22 10.86
N ASN A 160 19.41 8.78 9.63
CA ASN A 160 18.92 7.46 9.32
C ASN A 160 20.10 6.56 9.07
N THR A 161 20.58 5.87 10.10
CA THR A 161 21.63 4.87 9.98
C THR A 161 21.07 3.46 10.00
N ALA A 162 19.76 3.26 10.05
CA ALA A 162 19.11 1.99 9.99
C ALA A 162 18.84 1.56 8.52
N GLY A 163 18.19 2.42 7.77
CA GLY A 163 18.04 2.21 6.34
C GLY A 163 17.01 1.12 5.97
N ALA A 164 17.07 0.76 4.68
CA ALA A 164 16.18 -0.26 4.08
C ALA A 164 16.35 -1.59 4.80
N LYS A 165 17.54 -1.87 5.38
CA LYS A 165 17.68 -3.10 6.17
C LYS A 165 16.65 -3.26 7.29
N TYR A 166 16.24 -2.07 7.84
CA TYR A 166 15.22 -1.98 8.87
C TYR A 166 13.92 -1.37 8.36
N GLY A 167 13.67 -1.43 7.07
CA GLY A 167 12.37 -1.05 6.55
C GLY A 167 12.05 0.41 6.67
N THR A 168 13.06 1.30 6.66
CA THR A 168 12.84 2.72 6.80
C THR A 168 12.35 3.34 5.52
N GLY A 169 11.79 4.57 5.64
CA GLY A 169 11.54 5.42 4.49
C GLY A 169 10.25 5.23 3.75
N TYR A 170 9.26 4.64 4.39
CA TYR A 170 7.95 4.54 3.73
C TYR A 170 7.39 5.91 3.39
N CYS A 171 6.78 6.02 2.21
CA CYS A 171 6.01 7.16 1.74
C CYS A 171 4.95 6.62 0.85
N ASP A 172 3.86 7.39 0.68
CA ASP A 172 2.88 7.07 -0.36
C ASP A 172 2.11 8.33 -0.71
N ALA A 173 1.09 8.16 -1.56
CA ALA A 173 0.39 9.31 -2.07
C ALA A 173 -0.65 9.83 -1.14
N GLN A 174 -0.73 9.29 0.06
CA GLN A 174 -1.55 9.83 1.15
C GLN A 174 -0.80 10.79 2.04
N CYS A 175 0.50 10.94 1.83
CA CYS A 175 1.33 11.82 2.68
C CYS A 175 1.03 11.49 4.11
N PRO A 176 1.20 10.25 4.56
CA PRO A 176 0.78 9.87 5.91
C PRO A 176 1.62 10.54 7.00
N HIS A 177 0.90 10.99 8.03
CA HIS A 177 1.47 11.56 9.23
C HIS A 177 1.71 10.50 10.32
N ASP A 178 1.26 9.29 10.12
CA ASP A 178 1.37 8.26 11.13
C ASP A 178 2.73 7.58 11.15
N MET A 179 3.60 7.98 10.24
CA MET A 179 4.98 7.51 10.22
C MET A 179 5.72 8.03 11.43
N LYS A 180 6.40 7.13 12.15
CA LYS A 180 7.12 7.48 13.34
C LYS A 180 8.50 8.08 12.98
N PHE A 181 9.11 7.75 11.84
CA PHE A 181 10.31 8.35 11.36
C PHE A 181 10.06 8.83 9.97
N ILE A 182 10.41 10.08 9.73
CA ILE A 182 10.30 10.73 8.43
C ILE A 182 11.58 11.55 8.23
N ALA A 183 12.19 11.43 7.07
CA ALA A 183 13.37 12.22 6.79
C ALA A 183 14.49 11.95 7.82
N GLY A 184 14.57 10.71 8.30
CA GLY A 184 15.58 10.33 9.22
C GLY A 184 15.42 10.72 10.61
N LYS A 185 14.28 11.35 10.93
CA LYS A 185 14.06 11.88 12.26
C LYS A 185 12.73 11.40 12.84
N ALA A 186 12.69 11.28 14.14
CA ALA A 186 11.43 10.97 14.78
C ALA A 186 10.42 12.06 14.44
N ASN A 187 9.21 11.64 14.07
CA ASN A 187 8.12 12.53 13.80
C ASN A 187 7.29 12.77 15.06
N SER A 188 7.96 13.11 16.18
CA SER A 188 7.35 13.20 17.47
C SER A 188 6.78 14.60 17.81
N ASP A 189 7.15 15.59 17.04
CA ASP A 189 6.69 16.97 17.30
C ASP A 189 5.23 16.98 16.83
N GLY A 190 4.42 17.58 17.67
CA GLY A 190 3.01 17.64 17.40
C GLY A 190 2.28 16.33 17.40
N TRP A 191 2.79 15.32 18.11
CA TRP A 191 2.15 14.02 18.08
C TRP A 191 0.84 14.02 18.83
N THR A 192 -0.15 13.42 18.17
CA THR A 192 -1.51 13.29 18.69
C THR A 192 -1.85 11.84 18.62
N PRO A 193 -2.26 11.20 19.70
CA PRO A 193 -2.71 9.83 19.60
C PRO A 193 -3.95 9.68 18.76
N SER A 194 -4.08 8.62 18.02
CA SER A 194 -5.31 8.33 17.31
C SER A 194 -6.48 8.24 18.23
N ASP A 195 -7.64 8.63 17.72
CA ASP A 195 -8.90 8.54 18.40
C ASP A 195 -9.33 7.12 18.65
N ASN A 196 -9.00 6.20 17.73
CA ASN A 196 -9.53 4.88 17.76
C ASN A 196 -8.56 3.71 17.48
N ASP A 197 -7.29 4.01 17.31
CA ASP A 197 -6.26 3.06 17.13
C ASP A 197 -5.30 3.12 18.27
N GLN A 198 -5.31 2.11 19.14
CA GLN A 198 -4.48 2.12 20.33
C GLN A 198 -2.97 2.08 20.01
N ASN A 199 -2.58 1.73 18.80
CA ASN A 199 -1.18 1.62 18.39
C ASN A 199 -0.73 2.73 17.49
N ALA A 200 -1.52 3.73 17.22
CA ALA A 200 -1.13 4.73 16.25
C ALA A 200 -1.36 6.16 16.68
N GLY A 201 -0.70 7.09 15.99
CA GLY A 201 -0.98 8.50 16.11
C GLY A 201 -0.49 9.21 14.87
N THR A 202 -0.37 10.53 14.98
CA THR A 202 0.07 11.38 13.87
C THR A 202 0.98 12.45 14.39
N GLY A 203 2.02 12.72 13.63
CA GLY A 203 2.91 13.82 13.88
C GLY A 203 2.81 14.91 12.87
N GLU A 204 3.57 15.99 13.09
CA GLU A 204 3.44 17.15 12.21
C GLU A 204 3.77 16.89 10.72
N MET A 205 4.75 16.01 10.51
CA MET A 205 5.19 15.79 9.16
C MET A 205 4.46 14.58 8.56
N GLY A 206 4.32 14.64 7.24
CA GLY A 206 3.90 13.49 6.47
C GLY A 206 4.96 13.07 5.45
N ALA A 207 4.81 11.85 4.90
CA ALA A 207 5.82 11.27 4.02
C ALA A 207 5.19 11.00 2.67
N CYS A 208 5.46 11.86 1.67
CA CYS A 208 4.77 11.81 0.38
C CYS A 208 5.57 11.21 -0.72
N CYS A 209 4.95 10.46 -1.60
CA CYS A 209 5.55 10.10 -2.85
C CYS A 209 4.54 9.41 -3.79
N HIS A 210 4.92 9.30 -5.05
CA HIS A 210 4.06 8.66 -6.06
C HIS A 210 3.78 7.25 -5.64
N GLU A 211 2.63 6.73 -6.12
CA GLU A 211 2.12 5.41 -5.73
C GLU A 211 1.27 4.79 -6.87
N MET A 212 1.66 3.53 -7.19
CA MET A 212 0.96 2.73 -8.19
C MET A 212 0.36 1.54 -7.49
N ASP A 213 -0.93 1.59 -7.24
CA ASP A 213 -1.64 0.48 -6.59
C ASP A 213 -2.04 -0.54 -7.60
N ILE A 214 -1.45 -1.75 -7.47
CA ILE A 214 -1.80 -2.85 -8.35
C ILE A 214 -3.07 -3.53 -7.88
N TRP A 215 -3.24 -3.63 -6.56
CA TRP A 215 -4.27 -4.48 -5.99
C TRP A 215 -4.60 -3.96 -4.61
N GLU A 216 -5.76 -3.30 -4.51
N GLU A 216 -5.79 -3.38 -4.45
CA GLU A 216 -6.39 -3.03 -3.21
CA GLU A 216 -6.34 -3.06 -3.16
C GLU A 216 -7.73 -3.78 -3.13
C GLU A 216 -7.63 -3.82 -3.16
N ALA A 217 -7.84 -4.73 -2.22
CA ALA A 217 -8.93 -5.65 -2.35
C ALA A 217 -9.21 -6.43 -1.09
N ASN A 218 -10.44 -6.91 -1.04
CA ASN A 218 -10.88 -7.98 -0.16
C ASN A 218 -11.75 -8.92 -0.96
N SER A 219 -12.48 -9.80 -0.31
CA SER A 219 -13.33 -10.76 -1.05
C SER A 219 -14.51 -10.09 -1.73
N GLN A 220 -14.77 -8.83 -1.42
CA GLN A 220 -15.96 -8.18 -1.91
C GLN A 220 -15.74 -7.16 -2.98
N ALA A 221 -14.55 -6.60 -3.11
CA ALA A 221 -14.29 -5.54 -4.09
C ALA A 221 -12.78 -5.43 -4.26
N GLN A 222 -12.40 -4.85 -5.39
CA GLN A 222 -10.97 -4.68 -5.77
C GLN A 222 -10.80 -3.49 -6.70
N SER A 223 -9.62 -2.89 -6.60
CA SER A 223 -9.28 -1.76 -7.43
CA SER A 223 -9.29 -1.72 -7.41
C SER A 223 -7.81 -1.74 -7.76
N TYR A 224 -7.44 -1.00 -8.81
CA TYR A 224 -6.05 -0.63 -9.13
C TYR A 224 -6.06 0.85 -9.49
N THR A 225 -5.03 1.58 -9.05
CA THR A 225 -5.10 3.05 -9.03
C THR A 225 -3.73 3.64 -9.24
N ALA A 226 -3.63 4.67 -10.06
CA ALA A 226 -2.42 5.43 -10.25
C ALA A 226 -2.53 6.77 -9.51
N HIS A 227 -1.54 7.02 -8.65
CA HIS A 227 -1.44 8.30 -7.96
C HIS A 227 -0.12 8.99 -8.29
N VAL A 228 -0.23 10.22 -8.79
CA VAL A 228 0.93 11.05 -9.13
C VAL A 228 1.03 12.19 -8.14
N CYS A 229 2.29 12.58 -7.87
CA CYS A 229 2.56 13.74 -7.06
C CYS A 229 3.34 14.76 -7.89
N SER A 230 3.36 16.02 -7.43
CA SER A 230 4.12 17.09 -8.12
C SER A 230 5.54 17.20 -7.59
N VAL A 231 5.95 16.33 -6.64
CA VAL A 231 7.26 16.28 -6.06
C VAL A 231 8.03 15.05 -6.49
N ASP A 232 9.33 15.15 -6.36
CA ASP A 232 10.27 14.16 -6.93
C ASP A 232 10.67 13.11 -5.89
N GLY A 233 10.04 11.96 -5.95
CA GLY A 233 10.36 10.89 -4.96
C GLY A 233 9.95 11.25 -3.56
N TYR A 234 10.64 10.61 -2.64
CA TYR A 234 10.34 10.70 -1.21
C TYR A 234 10.47 12.15 -0.74
N THR A 235 9.33 12.69 -0.29
CA THR A 235 9.26 14.10 0.06
C THR A 235 8.51 14.29 1.37
N PRO A 236 9.20 14.76 2.43
CA PRO A 236 8.47 15.10 3.66
C PRO A 236 7.59 16.35 3.40
N CYS A 237 6.49 16.40 4.12
CA CYS A 237 5.62 17.59 3.98
C CYS A 237 5.21 18.05 5.37
N THR A 238 4.84 19.32 5.40
CA THR A 238 4.25 19.94 6.55
C THR A 238 3.10 20.82 6.04
N GLY A 239 2.13 21.07 6.95
CA GLY A 239 1.06 22.00 6.66
C GLY A 239 0.23 21.61 5.44
N THR A 240 -0.15 22.60 4.64
CA THR A 240 -1.07 22.38 3.51
C THR A 240 -0.43 21.50 2.40
N ASP A 241 0.90 21.47 2.35
CA ASP A 241 1.58 20.62 1.39
C ASP A 241 1.23 19.17 1.57
N CYS A 242 0.86 18.74 2.76
CA CYS A 242 0.43 17.36 2.93
C CYS A 242 -0.94 17.01 2.36
N GLY A 243 -1.78 18.04 2.09
CA GLY A 243 -3.06 17.80 1.52
C GLY A 243 -3.93 16.96 2.39
N ASP A 244 -3.96 17.25 3.70
CA ASP A 244 -4.66 16.42 4.63
C ASP A 244 -6.14 16.22 4.27
N ASN A 245 -6.67 15.05 4.65
CA ASN A 245 -8.10 14.70 4.53
C ASN A 245 -8.92 15.81 5.11
N GLY A 246 -10.02 16.03 4.43
CA GLY A 246 -10.99 17.05 4.76
C GLY A 246 -10.75 18.24 3.84
N ASP A 247 -10.70 19.40 4.44
CA ASP A 247 -10.62 20.65 3.65
C ASP A 247 -9.39 20.80 2.73
N ASP A 248 -8.28 20.27 3.15
CA ASP A 248 -7.00 20.42 2.42
C ASP A 248 -6.76 19.33 1.36
N ARG A 249 -7.71 18.41 1.16
CA ARG A 249 -7.44 17.18 0.42
C ARG A 249 -6.81 17.43 -0.95
N TYR A 250 -7.21 18.47 -1.66
CA TYR A 250 -6.77 18.77 -3.04
C TYR A 250 -5.72 19.87 -3.10
N LYS A 251 -5.21 20.27 -1.92
CA LYS A 251 -4.25 21.41 -1.85
C LYS A 251 -2.75 21.02 -1.70
N GLY A 252 -2.50 19.72 -1.54
CA GLY A 252 -1.16 19.25 -1.24
C GLY A 252 -0.43 18.87 -2.50
N VAL A 253 0.73 18.18 -2.29
CA VAL A 253 1.64 17.79 -3.34
C VAL A 253 1.28 16.46 -4.00
N CYS A 254 0.42 15.64 -3.42
CA CYS A 254 0.05 14.33 -4.02
C CYS A 254 -1.41 14.26 -4.27
N ASP A 255 -1.79 13.42 -5.23
CA ASP A 255 -3.18 13.13 -5.61
C ASP A 255 -3.63 11.96 -4.74
N LYS A 256 -4.36 12.23 -3.68
CA LYS A 256 -4.86 11.27 -2.76
C LYS A 256 -5.85 10.29 -3.36
N ASP A 257 -6.74 10.79 -4.23
CA ASP A 257 -7.76 9.93 -4.80
C ASP A 257 -7.17 8.97 -5.80
N GLY A 258 -6.27 9.45 -6.64
CA GLY A 258 -5.72 8.69 -7.77
C GLY A 258 -6.75 8.56 -8.88
N CYS A 259 -6.27 8.09 -10.01
CA CYS A 259 -7.13 7.59 -11.09
C CYS A 259 -7.31 6.09 -10.89
N ASP A 260 -8.49 5.72 -10.39
CA ASP A 260 -8.77 4.37 -10.02
C ASP A 260 -9.60 3.62 -11.06
N TYR A 261 -9.35 2.33 -11.17
CA TYR A 261 -10.14 1.43 -11.96
C TYR A 261 -10.66 0.37 -11.04
N ALA A 262 -11.91 0.48 -10.63
CA ALA A 262 -12.52 -0.36 -9.61
C ALA A 262 -13.80 -0.94 -10.24
N ALA A 263 -13.72 -2.20 -10.69
CA ALA A 263 -14.79 -2.72 -11.54
C ALA A 263 -16.19 -2.54 -10.97
N TYR A 264 -16.39 -2.83 -9.69
CA TYR A 264 -17.71 -2.71 -9.13
C TYR A 264 -18.20 -1.25 -9.21
N ARG A 265 -17.33 -0.30 -8.84
CA ARG A 265 -17.64 1.17 -8.90
C ARG A 265 -18.00 1.53 -10.30
N LEU A 266 -17.45 0.82 -11.32
CA LEU A 266 -17.64 1.09 -12.74
C LEU A 266 -18.84 0.35 -13.33
N GLY A 267 -19.71 -0.15 -12.48
CA GLY A 267 -20.95 -0.73 -12.91
C GLY A 267 -20.87 -2.21 -13.21
N GLN A 268 -19.81 -2.90 -12.83
CA GLN A 268 -19.65 -4.32 -13.13
C GLN A 268 -19.68 -5.04 -11.82
N HIS A 269 -20.90 -5.28 -11.29
CA HIS A 269 -21.06 -5.73 -9.94
C HIS A 269 -20.82 -7.19 -9.78
N ASP A 270 -21.06 -8.02 -10.81
CA ASP A 270 -20.93 -9.48 -10.78
C ASP A 270 -19.57 -9.97 -11.24
N PHE A 271 -18.71 -9.06 -11.65
CA PHE A 271 -17.43 -9.43 -12.22
C PHE A 271 -16.47 -10.06 -11.25
N TYR A 272 -16.37 -9.48 -10.05
CA TYR A 272 -15.47 -9.98 -9.00
C TYR A 272 -16.25 -10.04 -7.70
N GLY A 273 -16.13 -11.14 -7.03
CA GLY A 273 -16.73 -11.31 -5.71
C GLY A 273 -17.02 -12.74 -5.47
N GLU A 274 -17.78 -13.05 -4.42
CA GLU A 274 -18.07 -14.43 -4.12
C GLU A 274 -19.00 -15.01 -5.19
N GLY A 275 -18.53 -15.97 -5.94
CA GLY A 275 -19.22 -16.53 -7.10
C GLY A 275 -19.22 -15.64 -8.31
N GLY A 276 -18.36 -14.62 -8.35
CA GLY A 276 -18.30 -13.74 -9.51
C GLY A 276 -17.59 -14.40 -10.68
N THR A 277 -17.55 -13.68 -11.79
CA THR A 277 -16.81 -14.14 -12.99
C THR A 277 -15.41 -14.51 -12.61
N VAL A 278 -14.77 -13.62 -11.85
CA VAL A 278 -13.58 -13.85 -11.10
C VAL A 278 -14.08 -14.15 -9.64
N ASP A 279 -13.87 -15.35 -9.16
CA ASP A 279 -14.46 -15.77 -7.92
C ASP A 279 -13.49 -15.53 -6.78
N SER A 280 -13.79 -14.56 -5.90
CA SER A 280 -12.91 -14.23 -4.82
C SER A 280 -12.82 -15.28 -3.77
N GLY A 281 -13.64 -16.33 -3.84
CA GLY A 281 -13.53 -17.46 -2.97
C GLY A 281 -12.31 -18.35 -3.29
N SER A 282 -11.67 -18.14 -4.47
CA SER A 282 -10.57 -18.96 -4.91
C SER A 282 -9.38 -18.04 -5.31
N THR A 283 -8.21 -18.62 -5.25
CA THR A 283 -7.02 -17.89 -5.67
C THR A 283 -7.15 -17.47 -7.14
N LEU A 284 -6.59 -16.33 -7.46
CA LEU A 284 -6.65 -15.79 -8.83
C LEU A 284 -5.29 -15.24 -9.19
N THR A 285 -5.03 -15.13 -10.48
CA THR A 285 -3.85 -14.48 -11.02
C THR A 285 -4.24 -13.08 -11.52
N VAL A 286 -3.44 -12.08 -11.12
CA VAL A 286 -3.62 -10.68 -11.47
C VAL A 286 -2.51 -10.25 -12.32
N ILE A 287 -2.77 -9.86 -13.55
CA ILE A 287 -1.79 -9.46 -14.55
C ILE A 287 -1.97 -7.98 -14.90
N THR A 288 -0.90 -7.19 -14.89
CA THR A 288 -0.96 -5.77 -15.13
C THR A 288 0.08 -5.40 -16.12
N GLN A 289 -0.31 -4.67 -17.18
CA GLN A 289 0.61 -4.31 -18.27
C GLN A 289 0.72 -2.80 -18.36
N PHE A 290 1.96 -2.29 -18.37
CA PHE A 290 2.21 -0.84 -18.40
C PHE A 290 2.66 -0.51 -19.82
N ILE A 291 1.71 -0.15 -20.68
CA ILE A 291 1.91 0.05 -22.08
C ILE A 291 2.38 1.46 -22.32
N THR A 292 3.42 1.59 -23.14
CA THR A 292 4.01 2.89 -23.48
C THR A 292 4.01 3.10 -24.96
N GLY A 293 4.04 4.38 -25.30
CA GLY A 293 4.37 4.82 -26.63
C GLY A 293 5.24 6.09 -26.54
N GLY A 294 5.21 6.84 -27.61
CA GLY A 294 6.03 8.03 -27.66
C GLY A 294 5.70 9.10 -26.65
N GLY A 295 4.54 9.01 -26.03
CA GLY A 295 4.21 9.90 -24.97
C GLY A 295 4.51 9.37 -23.60
N GLY A 296 5.17 8.21 -23.54
CA GLY A 296 5.36 7.50 -22.26
C GLY A 296 4.24 6.55 -21.98
N LEU A 297 4.01 6.23 -20.70
CA LEU A 297 2.88 5.38 -20.34
C LEU A 297 1.61 5.97 -20.90
N ASN A 298 0.86 5.10 -21.62
CA ASN A 298 -0.42 5.54 -22.14
C ASN A 298 -1.60 4.64 -21.74
N GLU A 299 -1.34 3.52 -21.10
CA GLU A 299 -2.44 2.58 -20.74
C GLU A 299 -1.90 1.62 -19.71
N ILE A 300 -2.76 1.32 -18.70
CA ILE A 300 -2.47 0.31 -17.72
C ILE A 300 -3.58 -0.72 -17.83
N ARG A 301 -3.24 -1.87 -18.45
CA ARG A 301 -4.17 -2.95 -18.71
C ARG A 301 -4.15 -4.02 -17.63
N ARG A 302 -5.26 -4.66 -17.51
CA ARG A 302 -5.50 -5.70 -16.51
C ARG A 302 -6.03 -6.93 -17.16
N ILE A 303 -5.45 -8.11 -16.85
CA ILE A 303 -5.96 -9.40 -17.28
C ILE A 303 -6.00 -10.29 -16.05
N TYR A 304 -6.97 -11.16 -15.95
CA TYR A 304 -7.03 -12.16 -14.84
C TYR A 304 -6.90 -13.56 -15.42
N GLN A 305 -6.41 -14.48 -14.58
CA GLN A 305 -6.60 -15.89 -14.88
C GLN A 305 -7.07 -16.58 -13.63
N GLN A 306 -7.96 -17.55 -13.80
CA GLN A 306 -8.44 -18.34 -12.68
C GLN A 306 -8.87 -19.68 -13.18
N GLY A 307 -8.42 -20.75 -12.53
CA GLY A 307 -8.77 -22.10 -13.01
C GLY A 307 -8.30 -22.40 -14.38
N GLY A 308 -7.24 -21.75 -14.82
CA GLY A 308 -6.68 -21.93 -16.14
C GLY A 308 -7.32 -21.04 -17.20
N GLN A 309 -8.37 -20.33 -16.85
CA GLN A 309 -9.11 -19.56 -17.80
C GLN A 309 -8.71 -18.09 -17.77
N THR A 310 -8.39 -17.54 -18.93
CA THR A 310 -8.12 -16.09 -19.09
C THR A 310 -9.46 -15.34 -19.02
N ILE A 311 -9.47 -14.27 -18.25
CA ILE A 311 -10.63 -13.41 -18.07
C ILE A 311 -10.18 -11.99 -18.29
N GLN A 312 -10.63 -11.37 -19.37
CA GLN A 312 -10.31 -10.02 -19.66
C GLN A 312 -10.95 -9.05 -18.65
N ASN A 313 -10.42 -7.85 -18.54
CA ASN A 313 -10.95 -6.90 -17.59
C ASN A 313 -12.35 -6.52 -17.99
N ALA A 314 -13.22 -6.32 -16.99
CA ALA A 314 -14.57 -5.84 -17.25
C ALA A 314 -14.55 -4.37 -17.60
N ALA A 315 -15.24 -4.01 -18.65
CA ALA A 315 -15.28 -2.64 -19.13
C ALA A 315 -16.28 -1.79 -18.31
N VAL A 316 -16.05 -0.50 -18.33
CA VAL A 316 -16.99 0.45 -17.74
C VAL A 316 -18.39 0.21 -18.28
N ASN A 317 -19.36 0.17 -17.39
CA ASN A 317 -20.72 -0.21 -17.72
C ASN A 317 -21.72 0.84 -17.32
N PHE A 318 -21.69 1.98 -18.04
CA PHE A 318 -22.66 3.09 -17.89
C PHE A 318 -23.12 3.46 -19.30
N PRO A 319 -23.91 2.54 -19.90
CA PRO A 319 -24.22 2.75 -21.31
C PRO A 319 -24.88 4.09 -21.61
N GLY A 320 -24.31 4.79 -22.61
CA GLY A 320 -24.85 6.08 -23.00
C GLY A 320 -24.29 7.22 -22.20
N ASP A 321 -23.60 6.94 -21.09
CA ASP A 321 -23.02 7.96 -20.24
C ASP A 321 -21.52 8.00 -20.29
N VAL A 322 -20.87 6.83 -20.31
CA VAL A 322 -19.40 6.72 -20.35
C VAL A 322 -19.04 5.65 -21.37
N ASP A 323 -18.02 5.92 -22.16
CA ASP A 323 -17.54 4.91 -23.11
C ASP A 323 -17.07 3.67 -22.38
N PRO A 324 -17.11 2.51 -23.03
CA PRO A 324 -16.68 1.27 -22.41
C PRO A 324 -15.17 1.05 -22.35
N TYR A 325 -14.50 1.97 -21.71
CA TYR A 325 -13.07 1.81 -21.39
C TYR A 325 -12.91 0.52 -20.60
N ASP A 326 -11.71 -0.09 -20.74
CA ASP A 326 -11.43 -1.33 -20.02
C ASP A 326 -10.04 -1.32 -19.37
N SER A 327 -9.47 -0.13 -19.24
CA SER A 327 -8.13 0.04 -18.72
C SER A 327 -7.97 1.49 -18.25
N ILE A 328 -6.88 1.78 -17.52
CA ILE A 328 -6.57 3.20 -17.17
C ILE A 328 -5.85 3.83 -18.34
N THR A 329 -6.43 4.88 -18.86
CA THR A 329 -5.88 5.78 -19.85
C THR A 329 -6.26 7.21 -19.43
N GLU A 330 -5.60 8.19 -20.02
CA GLU A 330 -5.96 9.56 -19.75
CA GLU A 330 -5.93 9.61 -19.83
C GLU A 330 -7.44 9.86 -20.03
N ASP A 331 -7.93 9.37 -21.16
CA ASP A 331 -9.32 9.62 -21.49
C ASP A 331 -10.30 9.02 -20.50
N PHE A 332 -10.00 7.78 -20.05
CA PHE A 332 -10.75 7.19 -19.00
C PHE A 332 -10.79 8.04 -17.74
N CYS A 333 -9.59 8.49 -17.31
CA CYS A 333 -9.55 9.24 -16.10
C CYS A 333 -10.37 10.53 -16.17
N VAL A 334 -10.22 11.24 -17.27
CA VAL A 334 -10.99 12.45 -17.47
C VAL A 334 -12.48 12.18 -17.49
N ASP A 335 -12.88 11.21 -18.29
CA ASP A 335 -14.31 10.97 -18.46
C ASP A 335 -14.97 10.43 -17.20
N ILE A 336 -14.32 9.50 -16.51
CA ILE A 336 -14.94 8.90 -15.37
C ILE A 336 -15.08 9.93 -14.26
N LYS A 337 -14.03 10.77 -14.05
CA LYS A 337 -14.12 11.74 -12.98
C LYS A 337 -15.21 12.79 -13.29
N ARG A 338 -15.39 13.11 -14.56
CA ARG A 338 -16.57 13.96 -14.92
C ARG A 338 -17.85 13.28 -14.57
N TYR A 339 -18.04 12.03 -14.93
CA TYR A 339 -19.29 11.33 -14.64
C TYR A 339 -19.53 11.23 -13.14
N PHE A 340 -18.52 10.95 -12.36
CA PHE A 340 -18.60 10.82 -10.94
C PHE A 340 -18.56 12.17 -10.17
N GLY A 341 -18.31 13.26 -10.86
CA GLY A 341 -18.20 14.56 -10.26
C GLY A 341 -17.08 14.68 -9.26
N ASP A 342 -15.97 14.02 -9.57
CA ASP A 342 -14.78 14.00 -8.79
C ASP A 342 -13.77 14.98 -9.30
N THR A 343 -13.11 15.69 -8.38
CA THR A 343 -12.03 16.58 -8.76
C THR A 343 -10.87 15.85 -9.42
N ASN A 344 -10.37 16.28 -10.53
CA ASN A 344 -9.32 15.56 -11.24
C ASN A 344 -7.91 16.03 -10.82
N ASP A 345 -7.56 15.73 -9.58
CA ASP A 345 -6.24 16.06 -9.06
C ASP A 345 -5.15 15.26 -9.73
N PHE A 346 -5.47 14.09 -10.24
CA PHE A 346 -4.55 13.26 -11.01
C PHE A 346 -4.00 14.09 -12.13
N ASP A 347 -4.84 14.70 -12.95
CA ASP A 347 -4.31 15.56 -14.01
CA ASP A 347 -4.31 15.57 -14.01
C ASP A 347 -3.61 16.82 -13.44
N ALA A 348 -4.15 17.43 -12.38
CA ALA A 348 -3.48 18.60 -11.76
C ALA A 348 -2.04 18.28 -11.37
N LYS A 349 -1.76 17.06 -10.95
CA LYS A 349 -0.43 16.63 -10.45
C LYS A 349 0.47 16.08 -11.57
N GLY A 350 -0.03 16.06 -12.79
CA GLY A 350 0.75 15.65 -13.97
C GLY A 350 0.10 14.56 -14.85
N GLY A 351 -1.01 13.95 -14.41
CA GLY A 351 -1.66 12.94 -15.23
C GLY A 351 -0.79 11.79 -15.63
N MET A 352 -1.17 11.16 -16.73
CA MET A 352 -0.44 9.94 -17.19
C MET A 352 1.02 10.20 -17.49
N SER A 353 1.35 11.40 -17.93
CA SER A 353 2.71 11.73 -18.27
C SER A 353 3.54 11.89 -16.99
N GLY A 354 2.95 12.51 -15.96
CA GLY A 354 3.64 12.55 -14.68
C GLY A 354 3.80 11.17 -14.09
N MET A 355 2.76 10.34 -14.22
CA MET A 355 2.85 9.01 -13.73
C MET A 355 3.96 8.19 -14.44
N SER A 356 4.04 8.40 -15.75
CA SER A 356 5.05 7.75 -16.53
C SER A 356 6.47 8.07 -16.00
N ASN A 357 6.71 9.37 -15.77
CA ASN A 357 8.02 9.71 -15.24
C ASN A 357 8.30 9.09 -13.87
N ALA A 358 7.28 9.05 -13.01
CA ALA A 358 7.44 8.40 -11.75
C ALA A 358 7.85 6.95 -11.95
N LEU A 359 7.13 6.20 -12.84
CA LEU A 359 7.46 4.81 -13.02
C LEU A 359 8.86 4.69 -13.57
N LYS A 360 9.26 5.57 -14.48
CA LYS A 360 10.58 5.52 -15.05
C LYS A 360 11.70 5.58 -14.00
N LYS A 361 11.47 6.31 -12.94
CA LYS A 361 12.51 6.48 -11.89
C LYS A 361 12.60 5.30 -10.96
N GLY A 362 11.64 4.37 -11.02
CA GLY A 362 11.70 3.12 -10.23
C GLY A 362 10.91 3.20 -8.96
N MET A 363 10.36 2.08 -8.58
CA MET A 363 9.52 1.97 -7.38
C MET A 363 9.85 0.73 -6.60
N VAL A 364 9.46 0.78 -5.31
CA VAL A 364 9.61 -0.29 -4.33
C VAL A 364 8.27 -1.05 -4.22
N LEU A 365 8.33 -2.40 -4.15
CA LEU A 365 7.18 -3.25 -4.00
C LEU A 365 6.81 -3.39 -2.49
N VAL A 366 5.52 -3.13 -2.25
CA VAL A 366 4.95 -3.18 -0.92
C VAL A 366 3.82 -4.23 -0.94
N MET A 367 3.73 -5.02 0.14
CA MET A 367 2.56 -5.85 0.42
C MET A 367 2.11 -5.52 1.84
N SER A 368 0.81 -5.41 2.02
CA SER A 368 0.28 -5.08 3.34
CA SER A 368 0.24 -4.96 3.29
C SER A 368 -1.09 -5.65 3.58
N LEU A 369 -1.47 -5.70 4.83
CA LEU A 369 -2.81 -6.10 5.26
C LEU A 369 -3.18 -5.10 6.36
N TRP A 370 -4.35 -4.46 6.19
CA TRP A 370 -4.76 -3.43 7.09
C TRP A 370 -6.28 -3.31 7.14
N ASP A 371 -6.72 -2.72 8.25
CA ASP A 371 -8.05 -2.12 8.35
C ASP A 371 -7.89 -0.58 8.38
N ASP A 372 -8.98 0.14 8.31
CA ASP A 372 -8.96 1.56 7.99
C ASP A 372 -9.67 2.35 9.09
N HIS A 373 -8.90 2.92 10.00
CA HIS A 373 -9.46 3.62 11.13
C HIS A 373 -10.06 4.97 10.77
N TYR A 374 -9.79 5.53 9.58
CA TYR A 374 -10.32 6.81 9.10
C TYR A 374 -11.69 6.64 8.43
N ALA A 375 -11.77 5.72 7.48
CA ALA A 375 -12.93 5.61 6.66
C ALA A 375 -13.49 4.23 6.51
N ASN A 376 -13.06 3.28 7.34
CA ASN A 376 -13.66 1.97 7.45
C ASN A 376 -13.63 1.18 6.13
N MET A 377 -12.70 1.48 5.24
CA MET A 377 -12.58 0.79 3.97
C MET A 377 -13.80 1.01 3.08
N LEU A 378 -14.66 1.99 3.41
CA LEU A 378 -15.93 2.16 2.68
C LEU A 378 -15.67 2.59 1.23
N TRP A 379 -14.60 3.34 0.99
CA TRP A 379 -14.13 3.78 -0.30
C TRP A 379 -13.80 2.63 -1.19
N LEU A 380 -13.44 1.47 -0.61
CA LEU A 380 -13.09 0.29 -1.39
C LEU A 380 -14.31 -0.57 -1.64
N ASP A 381 -15.16 -0.77 -0.65
CA ASP A 381 -16.07 -1.88 -0.69
C ASP A 381 -17.55 -1.59 -0.34
N ALA A 382 -17.93 -0.32 -0.10
CA ALA A 382 -19.25 0.00 0.34
C ALA A 382 -19.82 1.13 -0.50
N THR A 383 -20.32 2.21 0.12
CA THR A 383 -20.74 3.45 -0.54
C THR A 383 -20.02 4.58 0.12
N TYR A 384 -19.45 5.49 -0.63
CA TYR A 384 -18.60 6.54 -0.02
C TYR A 384 -18.63 7.73 -0.92
N PRO A 385 -18.94 8.92 -0.38
CA PRO A 385 -19.40 9.16 1.00
C PRO A 385 -20.67 8.42 1.28
N VAL A 386 -20.89 8.15 2.55
CA VAL A 386 -21.98 7.30 2.97
C VAL A 386 -23.32 7.97 2.66
N ASP A 387 -23.35 9.28 2.54
CA ASP A 387 -24.56 10.05 2.27
C ASP A 387 -24.79 10.40 0.84
N SER A 388 -24.09 9.77 -0.11
CA SER A 388 -24.29 10.02 -1.49
C SER A 388 -24.75 8.76 -2.21
N THR A 389 -25.55 8.93 -3.24
CA THR A 389 -25.87 7.82 -4.13
C THR A 389 -25.69 8.21 -5.62
N GLU A 390 -24.95 9.30 -5.87
CA GLU A 390 -24.61 9.68 -7.20
C GLU A 390 -23.65 8.62 -7.80
N PRO A 391 -23.60 8.49 -9.15
CA PRO A 391 -22.68 7.51 -9.74
C PRO A 391 -21.26 7.70 -9.16
N GLY A 392 -20.60 6.65 -8.80
CA GLY A 392 -19.27 6.71 -8.25
C GLY A 392 -19.29 6.62 -6.76
N ALA A 393 -20.38 6.91 -6.08
CA ALA A 393 -20.44 6.70 -4.65
C ALA A 393 -20.41 5.20 -4.31
N LEU A 394 -21.21 4.39 -5.00
CA LEU A 394 -21.27 2.96 -4.77
C LEU A 394 -19.96 2.35 -5.24
N ARG A 395 -19.29 1.67 -4.32
CA ARG A 395 -18.03 0.97 -4.56
C ARG A 395 -18.05 -0.51 -4.46
N GLY A 396 -18.98 -1.07 -3.70
CA GLY A 396 -19.05 -2.48 -3.48
C GLY A 396 -20.30 -2.88 -2.71
N PRO A 397 -20.43 -4.12 -2.37
CA PRO A 397 -21.67 -4.64 -1.78
C PRO A 397 -21.79 -4.50 -0.31
N CYS A 398 -20.75 -3.99 0.37
CA CYS A 398 -20.73 -3.93 1.81
C CYS A 398 -21.56 -2.75 2.30
N SER A 399 -22.05 -2.89 3.54
CA SER A 399 -22.87 -1.83 4.15
C SER A 399 -22.08 -0.56 4.44
N THR A 400 -22.77 0.58 4.42
CA THR A 400 -22.17 1.79 4.97
C THR A 400 -21.85 1.69 6.46
N ASP A 401 -22.40 0.68 7.18
CA ASP A 401 -22.09 0.43 8.59
C ASP A 401 -20.94 -0.56 8.77
N SER A 402 -20.34 -1.02 7.67
CA SER A 402 -19.30 -2.02 7.77
C SER A 402 -17.90 -1.44 8.05
N GLY A 403 -17.00 -2.35 8.37
CA GLY A 403 -15.59 -2.02 8.38
C GLY A 403 -15.04 -1.22 9.51
N ASP A 404 -15.81 -0.88 10.56
CA ASP A 404 -15.21 -0.21 11.69
C ASP A 404 -14.13 -1.14 12.27
N PRO A 405 -12.91 -0.65 12.56
CA PRO A 405 -11.91 -1.53 13.12
C PRO A 405 -12.35 -2.25 14.43
N ALA A 406 -13.22 -1.64 15.26
CA ALA A 406 -13.65 -2.32 16.49
C ALA A 406 -14.58 -3.49 16.16
N ASP A 407 -15.26 -3.48 15.01
CA ASP A 407 -16.04 -4.60 14.48
C ASP A 407 -15.08 -5.65 13.90
N VAL A 408 -14.30 -5.29 12.88
CA VAL A 408 -13.56 -6.31 12.16
C VAL A 408 -12.48 -6.96 12.97
N GLU A 409 -11.81 -6.22 13.86
CA GLU A 409 -10.76 -6.81 14.67
C GLU A 409 -11.27 -7.82 15.69
N ALA A 410 -12.48 -7.59 16.16
CA ALA A 410 -13.16 -8.47 17.10
C ALA A 410 -13.84 -9.65 16.40
N ASN A 411 -14.45 -9.43 15.25
CA ASN A 411 -15.33 -10.40 14.59
C ASN A 411 -14.54 -11.25 13.57
N PHE A 412 -13.48 -10.74 12.97
CA PHE A 412 -12.67 -11.50 11.97
C PHE A 412 -11.20 -11.39 12.18
N PRO A 413 -10.74 -11.65 13.41
CA PRO A 413 -9.30 -11.47 13.69
C PRO A 413 -8.39 -12.39 12.90
N GLY A 414 -8.95 -13.50 12.47
CA GLY A 414 -8.20 -14.52 11.77
C GLY A 414 -8.05 -14.27 10.25
N SER A 415 -8.50 -13.11 9.79
CA SER A 415 -8.36 -12.74 8.38
C SER A 415 -6.88 -12.79 7.97
N THR A 416 -6.63 -13.17 6.71
CA THR A 416 -5.33 -13.24 6.14
C THR A 416 -5.35 -13.00 4.66
N VAL A 417 -4.20 -12.70 4.07
CA VAL A 417 -4.00 -12.64 2.63
C VAL A 417 -2.75 -13.41 2.26
N THR A 418 -2.76 -14.07 1.12
CA THR A 418 -1.57 -14.74 0.59
C THR A 418 -1.27 -14.29 -0.81
N PHE A 419 -0.07 -13.80 -1.03
CA PHE A 419 0.47 -13.38 -2.31
C PHE A 419 1.51 -14.42 -2.72
N SER A 420 1.55 -14.72 -4.05
CA SER A 420 2.52 -15.67 -4.51
C SER A 420 2.86 -15.45 -5.94
N ASN A 421 3.95 -16.09 -6.37
CA ASN A 421 4.36 -16.11 -7.76
C ASN A 421 4.52 -14.69 -8.35
N ILE A 422 5.22 -13.83 -7.62
CA ILE A 422 5.44 -12.47 -8.11
C ILE A 422 6.41 -12.59 -9.31
N LYS A 423 6.06 -11.85 -10.36
CA LYS A 423 6.82 -11.97 -11.62
C LYS A 423 6.75 -10.66 -12.39
N ILE A 424 7.88 -10.31 -13.00
CA ILE A 424 7.95 -9.27 -13.97
C ILE A 424 8.64 -9.75 -15.22
N GLY A 425 8.21 -9.21 -16.37
CA GLY A 425 8.80 -9.63 -17.61
C GLY A 425 8.16 -8.86 -18.74
N PRO A 426 8.43 -9.24 -19.98
CA PRO A 426 7.89 -8.58 -21.16
C PRO A 426 6.35 -8.69 -21.23
N ILE A 427 5.69 -7.73 -21.89
CA ILE A 427 4.25 -7.79 -22.07
C ILE A 427 3.88 -8.94 -23.01
N GLN A 428 2.93 -9.78 -22.52
CA GLN A 428 2.43 -10.94 -23.20
C GLN A 428 1.09 -10.65 -23.83
N SER A 429 0.68 -11.50 -24.76
CA SER A 429 -0.64 -11.47 -25.39
C SER A 429 -1.56 -12.51 -24.81
N TYR A 430 -2.79 -12.11 -24.53
CA TYR A 430 -3.80 -12.96 -23.96
C TYR A 430 -5.04 -12.93 -24.81
N ASP A 431 -5.34 -14.04 -25.48
CA ASP A 431 -6.48 -14.19 -26.40
C ASP A 431 -7.47 -15.26 -25.87
C1 SGC B . -12.66 9.35 -2.72
O1 SGC B . -13.86 10.06 -2.93
C2 SGC B . -12.45 9.15 -1.22
O2 SGC B . -12.59 10.39 -0.51
C3 SGC B . -11.06 8.61 -0.93
O3 SGC B . -10.89 8.05 0.41
C4 SGC B . -10.64 7.59 -1.98
C5 SGC B . -11.49 7.45 -3.29
O5 SGC B . -12.81 8.06 -3.30
C6 SGC B . -11.52 5.91 -3.60
O6 SGC B . -11.11 5.69 -4.90
S4 SGC B . -8.91 7.90 -2.36
H1 SGC B . -11.81 9.88 -3.15
HO1 SGC B . -14.26 9.94 -3.73
H2 SGC B . -13.17 8.40 -0.89
HO2 SGC B . -13.48 10.78 -0.61
H3 SGC B . -10.41 9.47 -1.03
HO3 SGC B . -11.02 8.76 1.11
H4 SGC B . -10.71 6.63 -1.45
H5 SGC B . -10.90 7.92 -4.10
H61 SGC B . -12.48 5.47 -3.40
H62 SGC B . -10.82 5.39 -2.95
HO6 SGC B . -11.66 6.20 -5.51
C2 BGC B . -7.05 6.00 -2.73
C3 BGC B . -6.48 4.60 -2.45
C4 BGC B . -6.12 4.64 -0.96
C5 BGC B . -7.37 5.12 -0.11
C6 BGC B . -6.97 5.18 1.37
C1 BGC B . -8.24 6.35 -1.84
O2 BGC B . -7.48 5.96 -4.06
O3 BGC B . -5.52 4.22 -3.46
O4 BGC B . -5.51 3.39 -0.54
O5 BGC B . -7.85 6.40 -0.44
O6 BGC B . -8.01 5.71 2.18
H2 BGC B . -6.27 6.76 -2.58
H3 BGC B . -7.32 3.91 -2.54
H4 BGC B . -5.37 5.44 -0.85
H5 BGC B . -8.17 4.39 -0.23
H61 BGC B . -6.08 5.80 1.48
H62 BGC B . -6.73 4.17 1.72
H1 BGC B . -8.99 5.56 -1.97
HO2 BGC B . -7.84 6.83 -4.31
HO3 BGC B . -5.92 4.30 -4.33
HO4 BGC B . -4.76 3.21 -1.11
HO6 BGC B . -7.73 5.84 3.10
CA CA C . 2.43 -16.15 -23.16
C ACT D . -2.51 0.59 0.11
O ACT D . -3.19 -0.47 0.45
OXT ACT D . -2.24 1.01 -1.05
CH3 ACT D . -2.14 1.35 1.25
H1 ACT D . -1.11 1.60 1.20
H2 ACT D . -2.73 2.22 1.30
H3 ACT D . -2.31 0.78 2.12
#